data_8BS4
#
_entry.id   8BS4
#
_cell.length_a   91.850
_cell.length_b   91.850
_cell.length_c   206.890
_cell.angle_alpha   90.000
_cell.angle_beta   90.000
_cell.angle_gamma   120.000
#
_symmetry.space_group_name_H-M   'P 65 2 2'
#
loop_
_entity.id
_entity.type
_entity.pdbx_description
1 polymer 'YTH domain-containing family protein 1'
2 non-polymer 'ACETATE ION'
3 non-polymer GLYCEROL
4 water water
#
_entity_poly.entity_id   1
_entity_poly.type   'polypeptide(L)'
_entity_poly.pdbx_seq_one_letter_code
;MHHHHHHSSGRENLYFQGHPVLEKLKAAHSYNPKEFEWNLKSGRVFIIKSYSEDDIHRSIKYSIWCSTEHGNKRLDSAFR
CMSSKGPVYLLFSVNGSGHFCGVAEMKSPVDYGTSAGVWSQDKWKGKFDVQWIFVKDVPNNQLRHIRLENNDNKPVTNSR
DTQEVPLEKAKQVLKIISSYKHTTSIFDDFAHYEKRQEEEEVVRKERQSRNKQ
;
_entity_poly.pdbx_strand_id   A,B
#
loop_
_chem_comp.id
_chem_comp.type
_chem_comp.name
_chem_comp.formula
ACT non-polymer 'ACETATE ION' 'C2 H3 O2 -1'
GOL non-polymer GLYCEROL 'C3 H8 O3'
#
# COMPACT_ATOMS: atom_id res chain seq x y z
N HIS A 19 1.02 7.32 24.96
CA HIS A 19 -0.36 7.07 24.55
C HIS A 19 -0.91 5.81 25.25
N PRO A 20 -2.19 5.85 25.64
CA PRO A 20 -2.77 4.72 26.38
C PRO A 20 -2.75 3.40 25.63
N VAL A 21 -3.11 3.40 24.35
CA VAL A 21 -3.08 2.15 23.58
C VAL A 21 -1.70 1.55 23.62
N LEU A 22 -0.66 2.37 23.52
CA LEU A 22 0.69 1.87 23.68
C LEU A 22 0.88 1.22 25.04
N GLU A 23 0.15 1.67 26.06
CA GLU A 23 0.26 1.06 27.38
C GLU A 23 -0.48 -0.27 27.45
N LYS A 24 -1.68 -0.34 26.85
CA LYS A 24 -2.40 -1.62 26.80
C LYS A 24 -1.61 -2.68 26.06
N LEU A 25 -0.80 -2.27 25.07
CA LEU A 25 0.07 -3.21 24.37
C LEU A 25 1.23 -3.66 25.26
N LYS A 26 1.89 -2.71 25.94
CA LYS A 26 2.99 -3.13 26.79
C LYS A 26 2.50 -3.93 27.99
N ALA A 27 1.21 -3.88 28.30
CA ALA A 27 0.68 -4.75 29.36
C ALA A 27 0.58 -6.19 28.90
N ALA A 28 0.41 -6.41 27.60
CA ALA A 28 0.19 -7.75 27.07
C ALA A 28 1.44 -8.37 26.46
N HIS A 29 2.42 -7.56 26.03
CA HIS A 29 3.63 -8.06 25.37
C HIS A 29 4.86 -7.34 25.92
N SER A 30 6.01 -7.96 25.78
CA SER A 30 7.29 -7.38 26.17
C SER A 30 8.13 -7.23 24.91
N TYR A 31 8.47 -5.99 24.57
CA TYR A 31 9.15 -5.71 23.32
C TYR A 31 10.63 -5.59 23.58
N ASN A 32 11.43 -5.84 22.54
CA ASN A 32 12.88 -5.73 22.60
C ASN A 32 13.44 -6.45 23.83
N PRO A 33 13.30 -7.78 23.92
CA PRO A 33 13.84 -8.50 25.08
C PRO A 33 15.35 -8.37 25.14
N LYS A 34 15.88 -8.33 26.37
CA LYS A 34 17.31 -8.26 26.56
C LYS A 34 18.00 -9.58 26.21
N GLU A 35 17.26 -10.69 26.23
CA GLU A 35 17.79 -11.98 25.80
C GLU A 35 16.93 -12.51 24.64
N PHE A 36 17.59 -12.88 23.55
CA PHE A 36 16.93 -13.44 22.37
C PHE A 36 17.93 -14.37 21.69
N GLU A 37 17.50 -15.57 21.32
CA GLU A 37 18.41 -16.52 20.67
C GLU A 37 18.48 -16.21 19.17
N TRP A 38 19.55 -15.53 18.75
CA TRP A 38 19.77 -15.22 17.33
C TRP A 38 20.49 -16.33 16.59
N ASN A 39 21.12 -17.27 17.29
CA ASN A 39 21.75 -18.43 16.66
C ASN A 39 20.68 -19.49 16.48
N LEU A 40 19.94 -19.36 15.37
CA LEU A 40 18.81 -20.23 15.13
C LEU A 40 19.30 -21.66 14.86
N LYS A 41 18.77 -22.61 15.63
CA LYS A 41 18.97 -24.01 15.29
C LYS A 41 18.27 -24.33 13.97
N SER A 42 17.00 -23.92 13.85
CA SER A 42 16.21 -24.15 12.65
C SER A 42 15.34 -22.92 12.42
N GLY A 43 14.55 -22.96 11.36
CA GLY A 43 13.62 -21.89 11.02
C GLY A 43 13.75 -21.44 9.59
N ARG A 44 12.88 -20.51 9.23
CA ARG A 44 12.96 -19.78 7.97
C ARG A 44 12.73 -18.32 8.27
N VAL A 45 13.46 -17.45 7.56
CA VAL A 45 13.47 -16.01 7.83
C VAL A 45 13.18 -15.28 6.51
N PHE A 46 12.29 -14.29 6.56
CA PHE A 46 11.89 -13.55 5.37
C PHE A 46 11.95 -12.04 5.60
N ILE A 47 12.38 -11.32 4.57
CA ILE A 47 12.25 -9.87 4.55
C ILE A 47 10.80 -9.49 4.28
N ILE A 48 10.27 -8.53 5.05
CA ILE A 48 8.96 -7.93 4.77
C ILE A 48 9.21 -6.47 4.40
N LYS A 49 8.73 -6.07 3.21
CA LYS A 49 8.79 -4.67 2.75
C LYS A 49 7.40 -4.06 2.84
N SER A 50 7.21 -3.15 3.80
CA SER A 50 5.91 -2.52 4.02
C SER A 50 5.73 -1.28 3.16
N TYR A 51 4.51 -1.11 2.63
CA TYR A 51 4.20 0.06 1.80
C TYR A 51 4.19 1.34 2.62
N SER A 52 4.01 1.26 3.95
CA SER A 52 3.84 2.49 4.71
C SER A 52 4.09 2.24 6.19
N GLU A 53 4.26 3.36 6.92
CA GLU A 53 4.31 3.29 8.37
C GLU A 53 2.93 3.00 8.95
N ASP A 54 1.86 3.46 8.29
CA ASP A 54 0.50 3.13 8.74
C ASP A 54 0.28 1.62 8.82
N ASP A 55 0.85 0.86 7.87
CA ASP A 55 0.73 -0.60 7.93
C ASP A 55 1.50 -1.15 9.12
N ILE A 56 2.67 -0.59 9.42
CA ILE A 56 3.48 -1.10 10.52
C ILE A 56 2.77 -0.87 11.82
N HIS A 57 2.16 0.31 11.96
CA HIS A 57 1.44 0.64 13.17
C HIS A 57 0.26 -0.30 13.37
N ARG A 58 -0.53 -0.51 12.31
CA ARG A 58 -1.65 -1.45 12.38
C ARG A 58 -1.18 -2.87 12.71
N SER A 59 0.01 -3.26 12.23
CA SER A 59 0.53 -4.60 12.50
C SER A 59 0.87 -4.77 13.97
N ILE A 60 1.59 -3.81 14.54
CA ILE A 60 1.95 -3.89 15.95
C ILE A 60 0.70 -3.84 16.84
N LYS A 61 -0.28 -3.05 16.42
CA LYS A 61 -1.46 -2.84 17.27
C LYS A 61 -2.33 -4.08 17.36
N TYR A 62 -2.63 -4.69 16.21
CA TYR A 62 -3.53 -5.83 16.18
C TYR A 62 -2.81 -7.15 15.97
N SER A 63 -1.47 -7.15 16.00
CA SER A 63 -0.67 -8.37 15.88
C SER A 63 -1.03 -9.17 14.62
N ILE A 64 -1.08 -8.46 13.48
CA ILE A 64 -1.41 -9.09 12.20
C ILE A 64 -0.51 -8.56 11.09
N TRP A 65 -0.51 -9.29 9.96
CA TRP A 65 0.12 -8.80 8.75
C TRP A 65 -0.64 -9.34 7.56
N CYS A 66 -0.48 -8.66 6.42
CA CYS A 66 -0.97 -9.17 5.14
C CYS A 66 0.01 -8.71 4.06
N SER A 67 0.53 -9.66 3.29
CA SER A 67 1.41 -9.35 2.18
C SER A 67 0.56 -9.21 0.91
N THR A 68 1.21 -9.19 -0.26
CA THR A 68 0.50 -9.28 -1.54
C THR A 68 -0.11 -10.67 -1.65
N GLU A 69 -0.88 -10.89 -2.73
CA GLU A 69 -1.40 -12.22 -2.99
C GLU A 69 -0.25 -13.22 -3.16
N HIS A 70 0.70 -12.89 -4.03
CA HIS A 70 1.88 -13.74 -4.19
C HIS A 70 2.65 -13.85 -2.88
N GLY A 71 2.77 -12.76 -2.12
CA GLY A 71 3.57 -12.81 -0.91
C GLY A 71 2.97 -13.68 0.17
N ASN A 72 1.64 -13.63 0.29
CA ASN A 72 0.93 -14.48 1.22
C ASN A 72 1.13 -15.96 0.90
N LYS A 73 1.05 -16.33 -0.38
CA LYS A 73 1.25 -17.73 -0.72
C LYS A 73 2.64 -18.19 -0.32
N ARG A 74 3.66 -17.36 -0.52
CA ARG A 74 5.02 -17.76 -0.14
C ARG A 74 5.15 -17.94 1.37
N LEU A 75 4.59 -17.02 2.15
CA LEU A 75 4.70 -17.11 3.60
C LEU A 75 3.81 -18.21 4.17
N ASP A 76 2.63 -18.40 3.58
CA ASP A 76 1.70 -19.44 4.03
C ASP A 76 2.32 -20.81 3.83
N SER A 77 2.79 -21.09 2.60
CA SER A 77 3.49 -22.34 2.35
C SER A 77 4.66 -22.52 3.29
N ALA A 78 5.43 -21.46 3.53
CA ALA A 78 6.60 -21.61 4.40
C ALA A 78 6.19 -21.97 5.82
N PHE A 79 5.17 -21.30 6.35
CA PHE A 79 4.72 -21.56 7.72
C PHE A 79 4.16 -22.97 7.85
N ARG A 80 3.27 -23.36 6.92
CA ARG A 80 2.69 -24.70 6.99
C ARG A 80 3.75 -25.78 6.83
N CYS A 81 4.85 -25.50 6.10
CA CYS A 81 5.92 -26.48 5.95
C CYS A 81 6.81 -26.56 7.19
N MET A 82 6.96 -25.45 7.92
CA MET A 82 7.68 -25.38 9.19
C MET A 82 6.82 -25.86 10.37
N SER A 83 5.92 -26.81 10.13
CA SER A 83 4.92 -27.26 11.09
C SER A 83 5.50 -27.57 12.46
N SER A 84 5.81 -26.53 13.23
CA SER A 84 6.37 -26.63 14.59
C SER A 84 7.84 -27.09 14.60
N LYS A 85 8.38 -27.51 13.45
CA LYS A 85 9.81 -27.80 13.38
C LYS A 85 10.67 -26.58 13.73
N GLY A 86 10.11 -25.36 13.70
CA GLY A 86 10.90 -24.17 13.95
C GLY A 86 10.15 -22.89 13.63
N PRO A 87 10.74 -21.76 14.00
CA PRO A 87 10.06 -20.47 13.85
C PRO A 87 10.17 -19.90 12.44
N VAL A 88 9.25 -18.99 12.15
CA VAL A 88 9.29 -18.17 10.94
C VAL A 88 9.39 -16.73 11.39
N TYR A 89 10.55 -16.11 11.18
CA TYR A 89 10.76 -14.71 11.54
C TYR A 89 10.57 -13.81 10.33
N LEU A 90 10.08 -12.60 10.59
CA LEU A 90 9.82 -11.58 9.58
C LEU A 90 10.62 -10.33 9.94
N LEU A 91 11.55 -9.92 9.05
CA LEU A 91 12.38 -8.74 9.24
C LEU A 91 11.75 -7.57 8.47
N PHE A 92 11.24 -6.58 9.20
CA PHE A 92 10.38 -5.54 8.61
C PHE A 92 11.16 -4.28 8.24
N SER A 93 10.86 -3.75 7.05
CA SER A 93 11.41 -2.49 6.56
C SER A 93 10.39 -1.76 5.69
N VAL A 94 10.12 -0.48 5.99
CA VAL A 94 9.21 0.33 5.17
C VAL A 94 9.92 0.77 3.90
N ASN A 95 9.26 0.61 2.75
CA ASN A 95 9.86 0.93 1.46
C ASN A 95 10.51 2.32 1.46
N GLY A 96 11.78 2.36 1.07
CA GLY A 96 12.49 3.62 0.98
C GLY A 96 13.07 4.16 2.27
N SER A 97 12.84 3.50 3.41
CA SER A 97 13.14 4.13 4.70
C SER A 97 14.62 4.17 5.07
N GLY A 98 15.48 3.39 4.42
CA GLY A 98 16.86 3.32 4.91
C GLY A 98 17.08 2.63 6.24
N HIS A 99 16.05 2.17 6.94
CA HIS A 99 16.24 1.38 8.14
C HIS A 99 15.27 0.20 8.16
N PHE A 100 15.63 -0.81 8.93
CA PHE A 100 14.69 -1.83 9.37
C PHE A 100 14.03 -1.35 10.65
N CYS A 101 12.80 -1.78 10.88
CA CYS A 101 12.01 -1.20 11.97
C CYS A 101 11.52 -2.24 12.97
N GLY A 102 11.92 -3.49 12.82
CA GLY A 102 11.56 -4.49 13.80
C GLY A 102 11.58 -5.89 13.24
N VAL A 103 11.17 -6.82 14.10
CA VAL A 103 11.19 -8.26 13.82
C VAL A 103 9.96 -8.84 14.45
N ALA A 104 9.21 -9.64 13.70
CA ALA A 104 8.09 -10.36 14.32
C ALA A 104 8.18 -11.84 13.93
N GLU A 105 7.47 -12.66 14.70
CA GLU A 105 7.30 -14.07 14.37
C GLU A 105 5.93 -14.30 13.75
N MET A 106 5.90 -15.10 12.69
CA MET A 106 4.64 -15.46 12.06
C MET A 106 3.98 -16.53 12.94
N LYS A 107 2.71 -16.33 13.29
CA LYS A 107 2.08 -17.19 14.28
C LYS A 107 0.88 -17.97 13.77
N SER A 108 0.39 -17.70 12.57
CA SER A 108 -0.75 -18.44 12.02
C SER A 108 -0.58 -18.56 10.51
N PRO A 109 -1.32 -19.46 9.88
CA PRO A 109 -1.46 -19.38 8.41
C PRO A 109 -2.28 -18.18 7.97
N VAL A 110 -2.37 -17.97 6.67
CA VAL A 110 -3.15 -16.86 6.13
C VAL A 110 -4.64 -17.20 6.23
N ASP A 111 -5.42 -16.26 6.73
CA ASP A 111 -6.87 -16.33 6.75
C ASP A 111 -7.41 -15.39 5.66
N TYR A 112 -8.13 -15.95 4.68
CA TYR A 112 -8.80 -15.16 3.67
C TYR A 112 -10.30 -15.06 3.92
N GLY A 113 -10.77 -15.46 5.09
CA GLY A 113 -12.19 -15.54 5.36
C GLY A 113 -12.90 -14.18 5.38
N THR A 114 -14.21 -14.24 5.58
CA THR A 114 -15.04 -13.03 5.58
C THR A 114 -14.64 -12.12 6.73
N SER A 115 -14.43 -12.68 7.91
CA SER A 115 -14.00 -11.91 9.07
C SER A 115 -12.60 -11.34 8.92
N ALA A 116 -11.82 -11.78 7.93
CA ALA A 116 -10.44 -11.31 7.82
C ALA A 116 -10.38 -9.80 7.64
N GLY A 117 -11.26 -9.25 6.81
CA GLY A 117 -11.16 -7.84 6.42
C GLY A 117 -11.35 -6.86 7.57
N VAL A 118 -12.13 -7.23 8.60
CA VAL A 118 -12.46 -6.23 9.62
C VAL A 118 -11.20 -5.82 10.38
N TRP A 119 -10.20 -6.71 10.46
CA TRP A 119 -8.94 -6.38 11.13
C TRP A 119 -8.18 -5.24 10.45
N SER A 120 -8.53 -4.88 9.22
CA SER A 120 -7.84 -3.85 8.46
C SER A 120 -8.78 -2.83 7.86
N GLN A 121 -10.08 -2.89 8.20
CA GLN A 121 -11.11 -2.06 7.57
C GLN A 121 -11.13 -2.28 6.06
N ASP A 122 -10.95 -3.54 5.65
CA ASP A 122 -11.00 -4.01 4.26
C ASP A 122 -9.84 -3.48 3.39
N LYS A 123 -8.86 -2.80 3.98
CA LYS A 123 -7.68 -2.45 3.20
C LYS A 123 -6.89 -3.69 2.77
N TRP A 124 -6.91 -4.76 3.58
CA TRP A 124 -6.19 -6.00 3.28
C TRP A 124 -7.14 -7.11 2.86
N LYS A 125 -6.70 -7.90 1.89
CA LYS A 125 -7.52 -9.02 1.43
C LYS A 125 -7.68 -10.08 2.52
N GLY A 126 -6.71 -10.20 3.42
CA GLY A 126 -6.78 -11.17 4.48
C GLY A 126 -5.84 -10.82 5.60
N LYS A 127 -5.44 -11.83 6.37
CA LYS A 127 -4.53 -11.58 7.47
C LYS A 127 -3.97 -12.91 7.99
N PHE A 128 -2.79 -12.81 8.60
CA PHE A 128 -2.23 -13.87 9.42
C PHE A 128 -1.67 -13.23 10.68
N ASP A 129 -1.61 -14.01 11.75
CA ASP A 129 -1.17 -13.49 13.04
C ASP A 129 0.34 -13.40 13.10
N VAL A 130 0.82 -12.35 13.77
CA VAL A 130 2.24 -12.19 14.02
C VAL A 130 2.43 -11.81 15.49
N GLN A 131 3.63 -12.08 16.02
CA GLN A 131 4.01 -11.67 17.36
CA GLN A 131 3.99 -11.63 17.35
C GLN A 131 5.23 -10.77 17.23
N TRP A 132 5.07 -9.47 17.47
CA TRP A 132 6.18 -8.56 17.34
C TRP A 132 7.15 -8.74 18.51
N ILE A 133 8.43 -8.77 18.19
CA ILE A 133 9.50 -9.09 19.14
C ILE A 133 10.42 -7.91 19.33
N PHE A 134 10.95 -7.37 18.24
CA PHE A 134 11.76 -6.17 18.24
C PHE A 134 11.00 -5.07 17.51
N VAL A 135 10.94 -3.90 18.13
CA VAL A 135 10.41 -2.67 17.50
C VAL A 135 11.51 -1.64 17.72
N LYS A 136 12.32 -1.42 16.69
CA LYS A 136 13.47 -0.53 16.82
C LYS A 136 14.00 -0.23 15.44
N ASP A 137 14.45 1.01 15.24
CA ASP A 137 15.02 1.41 13.96
C ASP A 137 16.50 1.06 13.94
N VAL A 138 16.90 0.32 12.91
CA VAL A 138 18.26 -0.15 12.71
C VAL A 138 18.67 0.29 11.31
N PRO A 139 19.63 1.20 11.16
CA PRO A 139 19.94 1.74 9.83
C PRO A 139 20.53 0.68 8.94
N ASN A 140 20.30 0.84 7.64
CA ASN A 140 20.77 -0.14 6.68
C ASN A 140 22.28 -0.24 6.67
N ASN A 141 22.95 0.83 7.08
CA ASN A 141 24.40 0.80 7.03
C ASN A 141 25.00 -0.10 8.11
N GLN A 142 24.20 -0.51 9.10
CA GLN A 142 24.60 -1.56 10.03
C GLN A 142 24.47 -2.96 9.44
N LEU A 143 23.86 -3.11 8.27
CA LEU A 143 23.48 -4.41 7.72
C LEU A 143 23.90 -4.62 6.27
N ARG A 144 24.20 -3.55 5.52
CA ARG A 144 24.45 -3.67 4.08
C ARG A 144 25.62 -4.58 3.75
N HIS A 145 26.44 -4.95 4.73
CA HIS A 145 27.55 -5.85 4.45
C HIS A 145 27.12 -7.31 4.35
N ILE A 146 26.00 -7.68 4.97
CA ILE A 146 25.43 -9.03 4.85
C ILE A 146 24.78 -9.17 3.48
N ARG A 147 25.26 -10.14 2.69
CA ARG A 147 24.81 -10.30 1.32
C ARG A 147 24.16 -11.67 1.15
N LEU A 148 23.25 -11.76 0.18
CA LEU A 148 22.36 -12.92 0.06
C LEU A 148 22.82 -13.76 -1.12
N GLU A 149 23.43 -14.92 -0.85
CA GLU A 149 23.86 -15.77 -1.97
C GLU A 149 22.68 -16.25 -2.82
N ASN A 150 21.45 -16.21 -2.29
CA ASN A 150 20.26 -16.56 -3.05
C ASN A 150 19.57 -15.33 -3.65
N ASN A 151 20.15 -14.14 -3.52
CA ASN A 151 19.69 -12.98 -4.26
C ASN A 151 20.87 -12.37 -5.00
N ASP A 152 21.66 -13.21 -5.65
CA ASP A 152 22.77 -12.78 -6.52
C ASP A 152 23.83 -12.00 -5.74
N ASN A 153 23.93 -12.28 -4.45
CA ASN A 153 24.86 -11.61 -3.55
C ASN A 153 24.55 -10.12 -3.39
N LYS A 154 23.30 -9.72 -3.60
CA LYS A 154 22.91 -8.35 -3.29
C LYS A 154 22.88 -8.18 -1.76
N PRO A 155 23.08 -6.97 -1.27
CA PRO A 155 22.96 -6.73 0.17
C PRO A 155 21.58 -7.13 0.67
N VAL A 156 21.52 -7.66 1.90
CA VAL A 156 20.24 -8.03 2.48
C VAL A 156 19.31 -6.84 2.55
N THR A 157 19.86 -5.63 2.57
CA THR A 157 19.10 -4.39 2.64
C THR A 157 18.52 -3.96 1.29
N ASN A 158 18.92 -4.59 0.18
CA ASN A 158 18.27 -4.37 -1.11
C ASN A 158 17.31 -5.50 -1.48
N SER A 159 16.73 -6.19 -0.51
CA SER A 159 15.82 -7.28 -0.81
C SER A 159 14.41 -6.76 -1.15
N ARG A 160 13.64 -7.59 -1.86
CA ARG A 160 12.23 -7.31 -2.08
C ARG A 160 11.36 -8.04 -1.06
N ASP A 161 10.06 -7.71 -1.06
CA ASP A 161 9.12 -8.30 -0.11
C ASP A 161 9.13 -9.85 -0.17
N THR A 162 9.30 -10.48 0.99
CA THR A 162 9.25 -11.95 1.21
C THR A 162 10.44 -12.68 0.62
N GLN A 163 11.52 -11.96 0.31
CA GLN A 163 12.79 -12.63 0.02
C GLN A 163 13.21 -13.46 1.22
N GLU A 164 13.55 -14.72 0.99
CA GLU A 164 14.03 -15.59 2.08
C GLU A 164 15.52 -15.37 2.34
N VAL A 165 15.88 -15.31 3.62
CA VAL A 165 17.27 -15.09 4.04
C VAL A 165 17.87 -16.43 4.46
N PRO A 166 18.99 -16.86 3.85
CA PRO A 166 19.64 -18.09 4.30
C PRO A 166 19.91 -18.02 5.80
N LEU A 167 19.82 -19.18 6.46
CA LEU A 167 19.76 -19.18 7.92
C LEU A 167 20.99 -18.54 8.53
N GLU A 168 22.18 -18.82 8.00
CA GLU A 168 23.40 -18.23 8.60
C GLU A 168 23.39 -16.70 8.46
N LYS A 169 23.00 -16.19 7.29
CA LYS A 169 22.93 -14.73 7.12
C LYS A 169 21.84 -14.13 8.00
N ALA A 170 20.71 -14.85 8.15
CA ALA A 170 19.65 -14.40 9.04
C ALA A 170 20.13 -14.29 10.47
N LYS A 171 20.98 -15.22 10.91
CA LYS A 171 21.50 -15.15 12.27
C LYS A 171 22.33 -13.89 12.49
N GLN A 172 23.19 -13.58 11.53
CA GLN A 172 23.96 -12.33 11.58
C GLN A 172 23.04 -11.11 11.68
N VAL A 173 21.99 -11.05 10.85
CA VAL A 173 21.06 -9.91 10.87
C VAL A 173 20.37 -9.84 12.22
N LEU A 174 19.84 -10.97 12.70
CA LEU A 174 19.12 -11.01 13.97
C LEU A 174 20.02 -10.59 15.12
N LYS A 175 21.31 -10.94 15.07
CA LYS A 175 22.24 -10.54 16.12
C LYS A 175 22.45 -9.02 16.13
N ILE A 176 22.61 -8.42 14.95
CA ILE A 176 22.81 -6.97 14.89
C ILE A 176 21.56 -6.23 15.34
N ILE A 177 20.39 -6.68 14.91
CA ILE A 177 19.15 -6.01 15.31
C ILE A 177 18.96 -6.10 16.81
N SER A 178 19.03 -7.31 17.37
CA SER A 178 18.90 -7.50 18.82
C SER A 178 19.87 -6.61 19.60
N SER A 179 21.12 -6.53 19.16
CA SER A 179 22.15 -5.87 19.94
C SER A 179 22.33 -4.39 19.59
N TYR A 180 21.61 -3.87 18.61
CA TYR A 180 21.81 -2.47 18.21
C TYR A 180 21.22 -1.51 19.23
N LYS A 181 21.98 -0.44 19.51
CA LYS A 181 21.52 0.62 20.42
C LYS A 181 20.74 1.64 19.57
N HIS A 182 19.44 1.40 19.44
CA HIS A 182 18.63 2.27 18.61
C HIS A 182 18.31 3.56 19.35
N THR A 183 18.18 4.64 18.59
CA THR A 183 17.79 5.93 19.15
C THR A 183 16.32 6.23 18.98
N THR A 184 15.61 5.49 18.13
CA THR A 184 14.18 5.71 17.95
C THR A 184 13.52 4.46 17.40
N SER A 185 12.19 4.44 17.49
CA SER A 185 11.35 3.40 16.91
C SER A 185 10.03 4.04 16.51
N ILE A 186 9.19 3.27 15.79
CA ILE A 186 7.85 3.76 15.45
C ILE A 186 7.02 4.03 16.70
N PHE A 187 7.41 3.43 17.84
CA PHE A 187 6.71 3.71 19.09
C PHE A 187 6.74 5.20 19.42
N ASP A 188 7.82 5.88 19.04
CA ASP A 188 7.96 7.31 19.30
C ASP A 188 6.95 8.15 18.53
N ASP A 189 6.34 7.62 17.47
CA ASP A 189 5.31 8.34 16.74
C ASP A 189 3.93 7.76 16.96
N PHE A 190 3.73 7.03 18.06
CA PHE A 190 2.53 6.21 18.19
C PHE A 190 1.27 7.06 18.26
N ALA A 191 1.26 8.13 19.06
CA ALA A 191 0.09 9.01 19.09
C ALA A 191 -0.19 9.59 17.72
N HIS A 192 0.87 9.98 17.00
CA HIS A 192 0.72 10.42 15.61
C HIS A 192 -0.07 9.40 14.79
N TYR A 193 0.36 8.13 14.78
CA TYR A 193 -0.32 7.14 13.94
C TYR A 193 -1.69 6.77 14.51
N GLU A 194 -1.89 6.85 15.83
CA GLU A 194 -3.23 6.69 16.37
C GLU A 194 -4.16 7.75 15.80
N LYS A 195 -3.78 9.03 15.92
CA LYS A 195 -4.58 10.12 15.34
C LYS A 195 -4.83 9.90 13.85
N ARG A 196 -3.79 9.48 13.10
CA ARG A 196 -3.98 9.21 11.68
C ARG A 196 -5.07 8.16 11.45
N GLN A 197 -5.11 7.10 12.28
CA GLN A 197 -6.09 6.04 12.06
C GLN A 197 -7.52 6.50 12.39
N GLU A 198 -7.70 7.21 13.51
CA GLU A 198 -9.06 7.64 13.87
C GLU A 198 -9.57 8.71 12.92
N GLU A 199 -8.78 9.77 12.69
CA GLU A 199 -9.21 10.82 11.76
C GLU A 199 -9.60 10.23 10.42
N GLU A 200 -8.80 9.29 9.91
CA GLU A 200 -9.12 8.67 8.63
C GLU A 200 -10.43 7.91 8.69
N GLU A 201 -10.65 7.15 9.77
CA GLU A 201 -11.88 6.36 9.92
C GLU A 201 -13.11 7.24 10.00
N VAL A 202 -12.97 8.41 10.63
CA VAL A 202 -14.06 9.38 10.65
C VAL A 202 -14.41 9.81 9.22
N VAL A 203 -13.38 10.19 8.45
CA VAL A 203 -13.57 10.57 7.05
C VAL A 203 -14.26 9.45 6.30
N ARG A 204 -13.90 8.21 6.59
CA ARG A 204 -14.44 7.08 5.83
C ARG A 204 -15.93 6.90 6.11
N LYS A 205 -16.32 6.95 7.38
CA LYS A 205 -17.74 6.88 7.73
C LYS A 205 -18.53 8.02 7.09
N GLU A 206 -18.01 9.25 7.19
CA GLU A 206 -18.73 10.41 6.65
C GLU A 206 -18.90 10.30 5.14
N ARG A 207 -17.86 9.85 4.43
CA ARG A 207 -17.99 9.62 3.00
C ARG A 207 -19.08 8.59 2.71
N GLN A 208 -19.08 7.48 3.46
CA GLN A 208 -20.07 6.43 3.22
C GLN A 208 -21.50 6.92 3.48
N SER A 209 -21.68 7.68 4.58
CA SER A 209 -22.99 8.24 4.89
C SER A 209 -23.48 9.15 3.75
N ARG A 210 -22.67 10.15 3.41
CA ARG A 210 -23.04 11.08 2.34
C ARG A 210 -23.27 10.39 1.01
N ASN A 211 -22.76 9.17 0.85
CA ASN A 211 -22.94 8.44 -0.40
C ASN A 211 -24.07 7.42 -0.34
N LYS A 212 -25.03 7.62 0.57
CA LYS A 212 -26.18 6.73 0.70
C LYS A 212 -27.48 7.42 0.32
N GLN A 213 -27.41 8.62 -0.24
CA GLN A 213 -28.60 9.36 -0.66
C GLN A 213 -28.39 9.98 -2.04
N GLY B 18 -14.25 25.78 -1.76
CA GLY B 18 -13.19 24.81 -1.60
C GLY B 18 -11.88 25.40 -1.12
N HIS B 19 -10.95 24.53 -0.72
CA HIS B 19 -9.59 24.95 -0.38
C HIS B 19 -9.00 25.76 -1.54
N PRO B 20 -8.17 26.79 -1.26
CA PRO B 20 -7.69 27.64 -2.36
C PRO B 20 -6.78 26.91 -3.33
N VAL B 21 -5.91 26.00 -2.86
CA VAL B 21 -5.16 25.18 -3.80
C VAL B 21 -6.12 24.38 -4.68
N LEU B 22 -7.16 23.80 -4.07
CA LEU B 22 -8.17 23.10 -4.84
C LEU B 22 -8.84 24.01 -5.85
N GLU B 23 -9.15 25.25 -5.44
CA GLU B 23 -9.71 26.22 -6.38
C GLU B 23 -8.87 26.32 -7.65
N LYS B 24 -7.55 26.45 -7.50
CA LYS B 24 -6.71 26.60 -8.69
C LYS B 24 -6.52 25.29 -9.46
N LEU B 25 -6.51 24.15 -8.78
CA LEU B 25 -6.46 22.87 -9.50
C LEU B 25 -7.69 22.74 -10.41
N LYS B 26 -8.88 22.97 -9.86
CA LYS B 26 -10.07 22.96 -10.71
C LYS B 26 -9.96 23.98 -11.83
N ALA B 27 -9.30 25.11 -11.57
CA ALA B 27 -9.20 26.15 -12.58
C ALA B 27 -8.35 25.69 -13.75
N ALA B 28 -7.26 24.98 -13.45
CA ALA B 28 -6.33 24.55 -14.49
C ALA B 28 -6.77 23.28 -15.22
N HIS B 29 -7.74 22.54 -14.70
CA HIS B 29 -8.16 21.30 -15.31
C HIS B 29 -9.64 21.37 -15.63
N SER B 30 -10.11 20.41 -16.42
CA SER B 30 -11.53 20.34 -16.75
C SER B 30 -12.17 19.11 -16.12
N TYR B 31 -12.21 19.04 -14.79
CA TYR B 31 -12.72 17.86 -14.13
C TYR B 31 -14.19 17.62 -14.46
N ASN B 32 -14.57 16.35 -14.48
CA ASN B 32 -15.97 15.96 -14.62
C ASN B 32 -16.65 16.65 -15.81
N PRO B 33 -16.11 16.48 -17.02
CA PRO B 33 -16.70 17.15 -18.18
C PRO B 33 -18.10 16.64 -18.46
N LYS B 34 -18.98 17.55 -18.91
CA LYS B 34 -20.35 17.18 -19.25
C LYS B 34 -20.42 16.37 -20.54
N GLU B 35 -19.50 16.61 -21.47
CA GLU B 35 -19.42 15.86 -22.72
C GLU B 35 -18.13 15.05 -22.72
N PHE B 36 -18.25 13.74 -22.53
CA PHE B 36 -17.12 12.83 -22.64
C PHE B 36 -17.52 11.69 -23.57
N GLU B 37 -16.63 11.34 -24.49
CA GLU B 37 -16.85 10.24 -25.44
C GLU B 37 -16.56 8.91 -24.75
N TRP B 38 -17.62 8.19 -24.34
CA TRP B 38 -17.46 6.90 -23.70
C TRP B 38 -17.55 5.73 -24.68
N ASN B 39 -18.10 5.95 -25.88
CA ASN B 39 -18.16 4.90 -26.90
C ASN B 39 -16.86 4.90 -27.70
N LEU B 40 -15.82 4.37 -27.06
CA LEU B 40 -14.49 4.40 -27.64
C LEU B 40 -14.44 3.53 -28.90
N LYS B 41 -13.73 4.04 -29.92
CA LYS B 41 -13.43 3.21 -31.08
C LYS B 41 -12.24 2.32 -30.81
N SER B 42 -11.29 2.79 -30.01
CA SER B 42 -10.09 2.03 -29.70
C SER B 42 -9.64 2.43 -28.30
N GLY B 43 -8.58 1.79 -27.83
CA GLY B 43 -8.03 2.07 -26.53
C GLY B 43 -7.81 0.81 -25.72
N ARG B 44 -7.24 1.01 -24.54
CA ARG B 44 -7.16 -0.05 -23.55
C ARG B 44 -7.56 0.57 -22.23
N VAL B 45 -8.21 -0.21 -21.38
CA VAL B 45 -8.74 0.29 -20.12
C VAL B 45 -8.38 -0.67 -19.00
N PHE B 46 -7.94 -0.11 -17.88
CA PHE B 46 -7.44 -0.90 -16.77
C PHE B 46 -8.03 -0.38 -15.47
N ILE B 47 -8.27 -1.30 -14.55
CA ILE B 47 -8.63 -0.95 -13.19
C ILE B 47 -7.37 -0.57 -12.43
N ILE B 48 -7.44 0.49 -11.64
CA ILE B 48 -6.38 0.80 -10.68
C ILE B 48 -6.96 0.59 -9.29
N LYS B 49 -6.32 -0.28 -8.50
CA LYS B 49 -6.72 -0.51 -7.12
C LYS B 49 -5.67 0.15 -6.24
N SER B 50 -6.01 1.32 -5.70
CA SER B 50 -5.09 2.12 -4.91
C SER B 50 -5.09 1.65 -3.46
N TYR B 51 -3.91 1.72 -2.83
CA TYR B 51 -3.75 1.34 -1.44
C TYR B 51 -4.36 2.36 -0.48
N SER B 52 -4.57 3.60 -0.91
CA SER B 52 -5.00 4.64 0.01
C SER B 52 -5.55 5.81 -0.76
N GLU B 53 -6.30 6.66 -0.05
CA GLU B 53 -6.76 7.90 -0.67
C GLU B 53 -5.68 8.95 -0.70
N ASP B 54 -4.63 8.79 0.13
CA ASP B 54 -3.49 9.69 0.04
C ASP B 54 -2.82 9.58 -1.30
N ASP B 55 -2.76 8.36 -1.87
CA ASP B 55 -2.18 8.20 -3.21
C ASP B 55 -3.04 8.91 -4.26
N ILE B 56 -4.35 8.78 -4.15
CA ILE B 56 -5.24 9.42 -5.10
C ILE B 56 -5.09 10.94 -5.01
N HIS B 57 -5.11 11.46 -3.78
CA HIS B 57 -4.95 12.90 -3.59
C HIS B 57 -3.62 13.39 -4.18
N ARG B 58 -2.53 12.70 -3.89
CA ARG B 58 -1.23 13.04 -4.49
CA ARG B 58 -1.24 13.05 -4.48
C ARG B 58 -1.31 12.93 -6.00
N SER B 59 -2.03 11.93 -6.51
CA SER B 59 -2.08 11.73 -7.95
C SER B 59 -2.76 12.89 -8.65
N ILE B 60 -3.86 13.39 -8.08
CA ILE B 60 -4.59 14.47 -8.72
C ILE B 60 -3.80 15.77 -8.63
N LYS B 61 -3.14 15.98 -7.49
CA LYS B 61 -2.40 17.21 -7.30
C LYS B 61 -1.23 17.32 -8.26
N TYR B 62 -0.55 16.21 -8.53
CA TYR B 62 0.68 16.26 -9.30
C TYR B 62 0.59 15.59 -10.66
N SER B 63 -0.59 15.09 -11.05
CA SER B 63 -0.79 14.47 -12.36
C SER B 63 0.20 13.32 -12.62
N ILE B 64 0.30 12.40 -11.67
CA ILE B 64 1.19 11.24 -11.82
C ILE B 64 0.55 10.03 -11.11
N TRP B 65 0.92 8.84 -11.56
CA TRP B 65 0.57 7.60 -10.88
C TRP B 65 1.80 6.70 -10.78
N CYS B 66 1.75 5.73 -9.86
CA CYS B 66 2.77 4.67 -9.82
C CYS B 66 2.11 3.40 -9.30
N SER B 67 2.21 2.32 -10.06
CA SER B 67 1.66 1.05 -9.63
C SER B 67 2.74 0.28 -8.89
N THR B 68 2.53 -1.02 -8.66
CA THR B 68 3.62 -1.87 -8.21
C THR B 68 4.64 -1.99 -9.33
N GLU B 69 5.72 -2.69 -9.02
CA GLU B 69 6.72 -2.95 -10.04
C GLU B 69 6.12 -3.75 -11.19
N HIS B 70 5.33 -4.76 -10.88
CA HIS B 70 4.73 -5.58 -11.93
C HIS B 70 3.58 -4.84 -12.59
N GLY B 71 2.79 -4.08 -11.84
CA GLY B 71 1.74 -3.29 -12.47
C GLY B 71 2.30 -2.20 -13.38
N ASN B 72 3.38 -1.55 -12.95
CA ASN B 72 4.06 -0.57 -13.80
C ASN B 72 4.50 -1.19 -15.11
N LYS B 73 5.07 -2.41 -15.07
CA LYS B 73 5.50 -3.06 -16.31
C LYS B 73 4.31 -3.38 -17.20
N ARG B 74 3.19 -3.86 -16.61
CA ARG B 74 1.99 -4.11 -17.40
C ARG B 74 1.47 -2.83 -18.05
N LEU B 75 1.37 -1.74 -17.29
CA LEU B 75 0.81 -0.49 -17.83
C LEU B 75 1.76 0.14 -18.85
N ASP B 76 3.07 0.13 -18.53
CA ASP B 76 4.05 0.65 -19.48
C ASP B 76 3.97 -0.08 -20.81
N SER B 77 3.83 -1.41 -20.78
CA SER B 77 3.81 -2.14 -22.04
C SER B 77 2.53 -1.83 -22.81
N ALA B 78 1.40 -1.71 -22.11
CA ALA B 78 0.14 -1.34 -22.75
C ALA B 78 0.26 0.04 -23.40
N PHE B 79 0.82 1.00 -22.66
CA PHE B 79 0.98 2.34 -23.24
C PHE B 79 1.86 2.31 -24.48
N ARG B 80 2.97 1.57 -24.44
CA ARG B 80 3.88 1.60 -25.58
C ARG B 80 3.31 0.87 -26.80
N CYS B 81 2.46 -0.14 -26.58
CA CYS B 81 1.79 -0.80 -27.68
C CYS B 81 0.56 -0.03 -28.16
N MET B 82 0.16 1.03 -27.47
CA MET B 82 -0.95 1.85 -27.92
C MET B 82 -0.50 3.16 -28.55
N SER B 83 0.78 3.27 -28.94
CA SER B 83 1.36 4.54 -29.33
C SER B 83 0.61 5.17 -30.49
N SER B 84 0.09 6.38 -30.29
CA SER B 84 -0.60 7.14 -31.33
C SER B 84 -1.72 6.31 -31.96
N LYS B 85 -2.40 5.52 -31.12
CA LYS B 85 -3.37 4.56 -31.62
C LYS B 85 -4.63 4.46 -30.79
N GLY B 86 -4.76 5.23 -29.71
CA GLY B 86 -5.92 5.13 -28.86
C GLY B 86 -5.55 5.42 -27.42
N PRO B 87 -6.54 5.79 -26.61
CA PRO B 87 -6.26 6.18 -25.23
C PRO B 87 -5.99 4.98 -24.34
N VAL B 88 -5.22 5.23 -23.28
CA VAL B 88 -5.18 4.30 -22.16
C VAL B 88 -5.86 4.99 -20.98
N TYR B 89 -7.01 4.45 -20.55
CA TYR B 89 -7.75 4.96 -19.41
C TYR B 89 -7.55 4.08 -18.18
N LEU B 90 -7.55 4.72 -17.01
CA LEU B 90 -7.39 4.08 -15.72
C LEU B 90 -8.62 4.40 -14.85
N LEU B 91 -9.30 3.34 -14.38
CA LEU B 91 -10.49 3.46 -13.54
C LEU B 91 -10.08 3.21 -12.08
N PHE B 92 -10.20 4.23 -11.23
CA PHE B 92 -9.57 4.21 -9.93
C PHE B 92 -10.57 3.81 -8.83
N SER B 93 -10.14 2.89 -7.96
CA SER B 93 -10.88 2.53 -6.76
C SER B 93 -9.92 2.27 -5.61
N VAL B 94 -10.18 2.88 -4.44
CA VAL B 94 -9.35 2.62 -3.25
C VAL B 94 -9.79 1.31 -2.60
N ASN B 95 -8.82 0.45 -2.27
CA ASN B 95 -9.11 -0.82 -1.61
C ASN B 95 -9.99 -0.62 -0.37
N GLY B 96 -11.10 -1.36 -0.31
CA GLY B 96 -11.98 -1.32 0.84
C GLY B 96 -12.95 -0.15 0.88
N SER B 97 -12.90 0.75 -0.10
CA SER B 97 -13.70 1.97 -0.05
C SER B 97 -15.15 1.76 -0.47
N GLY B 98 -15.45 0.67 -1.18
CA GLY B 98 -16.77 0.46 -1.72
C GLY B 98 -17.12 1.31 -2.91
N HIS B 99 -16.18 2.08 -3.47
CA HIS B 99 -16.49 3.05 -4.51
C HIS B 99 -15.37 3.09 -5.53
N PHE B 100 -15.72 3.46 -6.76
CA PHE B 100 -14.76 4.00 -7.71
C PHE B 100 -14.70 5.52 -7.50
N CYS B 101 -13.50 6.10 -7.65
CA CYS B 101 -13.33 7.48 -7.25
C CYS B 101 -12.92 8.40 -8.38
N GLY B 102 -12.76 7.91 -9.59
CA GLY B 102 -12.40 8.76 -10.69
C GLY B 102 -11.86 7.97 -11.86
N VAL B 103 -11.44 8.72 -12.88
CA VAL B 103 -10.92 8.19 -14.13
C VAL B 103 -9.81 9.12 -14.60
N ALA B 104 -8.69 8.56 -15.06
CA ALA B 104 -7.63 9.36 -15.67
C ALA B 104 -7.15 8.68 -16.94
N GLU B 105 -6.50 9.46 -17.81
CA GLU B 105 -5.84 8.90 -18.98
C GLU B 105 -4.34 8.78 -18.71
N MET B 106 -3.76 7.62 -19.04
CA MET B 106 -2.30 7.49 -19.04
C MET B 106 -1.68 8.35 -20.15
N LYS B 107 -0.68 9.18 -19.80
CA LYS B 107 -0.12 10.11 -20.77
C LYS B 107 1.39 10.00 -20.99
N SER B 108 2.13 9.20 -20.23
CA SER B 108 3.54 8.96 -20.51
C SER B 108 3.88 7.52 -20.20
N PRO B 109 5.00 7.01 -20.72
CA PRO B 109 5.55 5.75 -20.21
C PRO B 109 6.04 5.93 -18.80
N VAL B 110 6.39 4.80 -18.17
CA VAL B 110 6.88 4.81 -16.80
C VAL B 110 8.32 5.29 -16.79
N ASP B 111 8.61 6.25 -15.93
CA ASP B 111 9.96 6.70 -15.65
C ASP B 111 10.36 6.16 -14.28
N TYR B 112 11.27 5.18 -14.27
CA TYR B 112 11.77 4.59 -13.03
C TYR B 112 12.91 5.39 -12.42
N GLY B 113 12.98 6.72 -12.66
CA GLY B 113 14.10 7.52 -12.21
C GLY B 113 13.99 7.99 -10.76
N THR B 114 15.16 8.35 -10.19
CA THR B 114 15.32 8.83 -8.81
C THR B 114 14.15 9.64 -8.25
N GLY B 117 14.27 11.55 -1.71
CA GLY B 117 13.59 11.06 -0.53
C GLY B 117 12.21 10.45 -0.77
N VAL B 118 12.21 9.22 -1.31
CA VAL B 118 10.96 8.51 -1.53
C VAL B 118 10.22 8.29 -0.22
N TRP B 119 10.97 7.97 0.85
CA TRP B 119 10.35 7.64 2.13
C TRP B 119 10.04 8.87 2.96
N SER B 120 11.02 9.74 3.20
CA SER B 120 10.80 10.88 4.10
C SER B 120 9.71 11.81 3.57
N GLN B 121 9.56 11.90 2.23
CA GLN B 121 8.48 12.68 1.65
C GLN B 121 7.31 11.82 1.18
N ASP B 122 7.38 10.50 1.38
CA ASP B 122 6.26 9.58 1.09
C ASP B 122 5.85 9.65 -0.38
N LYS B 123 6.83 9.72 -1.28
CA LYS B 123 6.56 9.71 -2.71
C LYS B 123 6.66 8.26 -3.21
N TRP B 124 6.78 8.06 -4.52
CA TRP B 124 6.81 6.72 -5.10
C TRP B 124 8.16 6.43 -5.74
N LYS B 125 8.43 5.13 -5.93
CA LYS B 125 9.66 4.67 -6.58
C LYS B 125 9.47 4.52 -8.10
N GLY B 126 9.05 5.62 -8.73
CA GLY B 126 8.76 5.61 -10.16
C GLY B 126 7.49 6.38 -10.39
N LYS B 127 7.16 6.72 -11.64
CA LYS B 127 5.97 7.51 -11.87
C LYS B 127 5.68 7.52 -13.36
N PHE B 128 4.43 7.81 -13.71
CA PHE B 128 4.07 8.15 -15.08
C PHE B 128 3.01 9.23 -15.04
N ASP B 129 2.92 10.01 -16.11
CA ASP B 129 1.97 11.12 -16.16
C ASP B 129 0.55 10.60 -16.36
N VAL B 130 -0.40 11.22 -15.66
CA VAL B 130 -1.80 10.96 -15.92
C VAL B 130 -2.52 12.29 -16.04
N GLN B 131 -3.58 12.30 -16.85
CA GLN B 131 -4.53 13.40 -16.93
C GLN B 131 -5.83 12.97 -16.25
N TRP B 132 -6.08 13.52 -15.06
CA TRP B 132 -7.33 13.20 -14.37
C TRP B 132 -8.50 13.82 -15.12
N ILE B 133 -9.58 13.05 -15.25
CA ILE B 133 -10.71 13.40 -16.08
C ILE B 133 -11.98 13.45 -15.25
N PHE B 134 -12.27 12.38 -14.50
CA PHE B 134 -13.38 12.34 -13.56
C PHE B 134 -12.84 12.24 -12.16
N VAL B 135 -13.40 13.06 -11.27
CA VAL B 135 -13.10 13.00 -9.84
C VAL B 135 -14.47 13.04 -9.17
N LYS B 136 -14.94 11.88 -8.72
CA LYS B 136 -16.30 11.68 -8.24
C LYS B 136 -16.42 10.26 -7.70
N ASP B 137 -17.16 10.11 -6.61
CA ASP B 137 -17.39 8.82 -5.99
C ASP B 137 -18.61 8.17 -6.62
N VAL B 138 -18.45 6.94 -7.12
CA VAL B 138 -19.52 6.15 -7.69
C VAL B 138 -19.61 4.85 -6.89
N PRO B 139 -20.72 4.58 -6.20
CA PRO B 139 -20.80 3.34 -5.41
C PRO B 139 -20.66 2.10 -6.28
N ASN B 140 -19.98 1.10 -5.73
CA ASN B 140 -19.75 -0.14 -6.47
C ASN B 140 -21.06 -0.80 -6.89
N ASN B 141 -22.11 -0.66 -6.07
CA ASN B 141 -23.41 -1.22 -6.42
C ASN B 141 -23.95 -0.64 -7.73
N GLN B 142 -23.42 0.51 -8.18
CA GLN B 142 -23.83 1.06 -9.46
C GLN B 142 -23.16 0.39 -10.64
N LEU B 143 -22.08 -0.37 -10.39
CA LEU B 143 -21.28 -0.99 -11.44
C LEU B 143 -21.16 -2.50 -11.30
N ARG B 144 -21.42 -3.04 -10.10
CA ARG B 144 -21.26 -4.46 -9.77
C ARG B 144 -21.93 -5.39 -10.77
N HIS B 145 -22.87 -4.90 -11.59
CA HIS B 145 -23.54 -5.77 -12.54
C HIS B 145 -22.73 -6.03 -13.80
N ILE B 146 -21.67 -5.25 -14.04
CA ILE B 146 -20.84 -5.48 -15.22
C ILE B 146 -19.80 -6.54 -14.88
N ARG B 147 -19.68 -7.55 -15.74
CA ARG B 147 -18.83 -8.71 -15.48
C ARG B 147 -17.72 -8.81 -16.52
N LEU B 148 -16.53 -9.23 -16.09
CA LEU B 148 -15.37 -9.32 -16.98
C LEU B 148 -15.20 -10.77 -17.41
N GLU B 149 -15.43 -11.03 -18.70
CA GLU B 149 -15.23 -12.38 -19.21
C GLU B 149 -13.76 -12.82 -19.09
N ASN B 150 -12.82 -11.87 -19.11
CA ASN B 150 -11.41 -12.20 -18.92
C ASN B 150 -11.00 -12.19 -17.45
N ASN B 151 -11.96 -12.16 -16.52
CA ASN B 151 -11.67 -12.37 -15.11
C ASN B 151 -12.69 -13.32 -14.49
N ASP B 152 -13.01 -14.41 -15.20
CA ASP B 152 -13.88 -15.45 -14.65
C ASP B 152 -15.28 -14.90 -14.40
N ASN B 153 -15.69 -13.92 -15.21
CA ASN B 153 -17.03 -13.34 -15.13
C ASN B 153 -17.35 -12.80 -13.75
N LYS B 154 -16.30 -12.41 -13.03
CA LYS B 154 -16.48 -11.67 -11.81
C LYS B 154 -16.95 -10.24 -12.14
N PRO B 155 -17.61 -9.58 -11.18
CA PRO B 155 -17.96 -8.16 -11.40
C PRO B 155 -16.71 -7.30 -11.52
N VAL B 156 -16.79 -6.29 -12.39
CA VAL B 156 -15.70 -5.33 -12.53
C VAL B 156 -15.25 -4.80 -11.16
N THR B 157 -16.18 -4.69 -10.21
CA THR B 157 -15.88 -4.17 -8.88
C THR B 157 -15.09 -5.15 -8.00
N ASN B 158 -14.84 -6.38 -8.44
CA ASN B 158 -13.93 -7.28 -7.74
C ASN B 158 -12.61 -7.46 -8.47
N SER B 159 -12.23 -6.51 -9.33
CA SER B 159 -10.97 -6.62 -10.05
C SER B 159 -9.79 -6.33 -9.14
N ARG B 160 -8.64 -6.88 -9.51
CA ARG B 160 -7.38 -6.56 -8.86
C ARG B 160 -6.65 -5.47 -9.65
N ASP B 161 -5.57 -4.95 -9.06
CA ASP B 161 -4.85 -3.83 -9.66
C ASP B 161 -4.35 -4.16 -11.06
N THR B 162 -4.52 -3.20 -11.97
CA THR B 162 -4.14 -3.28 -13.38
C THR B 162 -4.88 -4.38 -14.15
N GLN B 163 -5.96 -4.92 -13.61
CA GLN B 163 -6.86 -5.75 -14.42
C GLN B 163 -7.28 -5.00 -15.69
N GLU B 164 -7.09 -5.63 -16.85
CA GLU B 164 -7.57 -5.00 -18.07
C GLU B 164 -9.06 -5.27 -18.25
N VAL B 165 -9.77 -4.28 -18.76
CA VAL B 165 -11.22 -4.33 -18.96
C VAL B 165 -11.50 -4.43 -20.45
N PRO B 166 -12.17 -5.49 -20.93
CA PRO B 166 -12.51 -5.57 -22.37
C PRO B 166 -13.30 -4.35 -22.80
N LEU B 167 -13.05 -3.88 -24.02
CA LEU B 167 -13.43 -2.52 -24.39
C LEU B 167 -14.93 -2.29 -24.26
N GLU B 168 -15.75 -3.27 -24.67
CA GLU B 168 -17.20 -3.14 -24.57
C GLU B 168 -17.64 -2.95 -23.12
N LYS B 169 -17.11 -3.77 -22.21
CA LYS B 169 -17.39 -3.60 -20.79
C LYS B 169 -16.87 -2.26 -20.27
N ALA B 170 -15.72 -1.80 -20.79
CA ALA B 170 -15.19 -0.50 -20.37
C ALA B 170 -16.11 0.63 -20.77
N LYS B 171 -16.66 0.57 -21.99
CA LYS B 171 -17.63 1.55 -22.46
C LYS B 171 -18.82 1.66 -21.51
N GLN B 172 -19.36 0.52 -21.06
CA GLN B 172 -20.47 0.53 -20.11
C GLN B 172 -20.06 1.18 -18.80
N VAL B 173 -18.88 0.85 -18.28
CA VAL B 173 -18.42 1.43 -17.02
C VAL B 173 -18.20 2.94 -17.17
N LEU B 174 -17.63 3.36 -18.29
CA LEU B 174 -17.35 4.79 -18.48
C LEU B 174 -18.62 5.61 -18.65
N LYS B 175 -19.65 5.06 -19.30
CA LYS B 175 -20.92 5.77 -19.40
C LYS B 175 -21.56 5.97 -18.03
N ILE B 176 -21.51 4.97 -17.17
CA ILE B 176 -22.10 5.09 -15.85
C ILE B 176 -21.31 6.06 -14.98
N ILE B 177 -19.97 6.01 -15.03
CA ILE B 177 -19.21 6.93 -14.20
C ILE B 177 -19.40 8.37 -14.68
N SER B 178 -19.40 8.58 -16.00
CA SER B 178 -19.50 9.94 -16.51
C SER B 178 -20.87 10.53 -16.23
N SER B 179 -21.93 9.73 -16.39
CA SER B 179 -23.30 10.18 -16.18
C SER B 179 -23.72 10.21 -14.72
N TYR B 180 -22.98 9.57 -13.80
CA TYR B 180 -23.44 9.50 -12.42
C TYR B 180 -23.49 10.89 -11.81
N LYS B 181 -24.55 11.16 -11.04
CA LYS B 181 -24.68 12.44 -10.34
C LYS B 181 -24.22 12.16 -8.92
N HIS B 182 -22.93 12.41 -8.68
CA HIS B 182 -22.30 12.02 -7.43
C HIS B 182 -22.63 13.01 -6.33
N THR B 183 -22.73 12.49 -5.11
CA THR B 183 -22.91 13.37 -3.96
C THR B 183 -21.61 13.75 -3.30
N THR B 184 -20.52 13.01 -3.55
CA THR B 184 -19.27 13.33 -2.88
C THR B 184 -18.08 12.95 -3.77
N SER B 185 -16.90 13.41 -3.38
CA SER B 185 -15.66 13.07 -4.08
C SER B 185 -14.51 13.27 -3.11
N ILE B 186 -13.33 12.80 -3.50
CA ILE B 186 -12.17 12.93 -2.61
C ILE B 186 -11.89 14.39 -2.31
N PHE B 187 -12.32 15.28 -3.20
CA PHE B 187 -12.15 16.72 -3.04
C PHE B 187 -12.85 17.27 -1.81
N ASP B 188 -13.89 16.60 -1.30
CA ASP B 188 -14.51 17.03 -0.04
C ASP B 188 -13.56 16.96 1.15
N ASP B 189 -12.47 16.19 1.05
CA ASP B 189 -11.53 16.06 2.16
C ASP B 189 -10.17 16.66 1.81
N PHE B 190 -10.13 17.62 0.88
CA PHE B 190 -8.87 18.14 0.36
C PHE B 190 -7.95 18.63 1.47
N ALA B 191 -8.46 19.49 2.36
CA ALA B 191 -7.61 20.03 3.41
C ALA B 191 -7.14 18.92 4.34
N HIS B 192 -8.01 17.93 4.59
CA HIS B 192 -7.66 16.80 5.43
C HIS B 192 -6.48 16.01 4.84
N TYR B 193 -6.48 15.77 3.53
CA TYR B 193 -5.35 15.04 2.95
C TYR B 193 -4.10 15.92 2.82
N GLU B 194 -4.27 17.25 2.69
CA GLU B 194 -3.09 18.13 2.76
C GLU B 194 -2.44 18.05 4.13
N LYS B 195 -3.23 18.13 5.19
CA LYS B 195 -2.68 18.08 6.53
C LYS B 195 -2.01 16.73 6.77
N ARG B 196 -2.69 15.63 6.39
CA ARG B 196 -2.10 14.31 6.54
C ARG B 196 -0.71 14.26 5.94
N GLN B 197 -0.59 14.68 4.67
CA GLN B 197 0.70 14.57 3.99
C GLN B 197 1.75 15.42 4.69
N GLU B 198 1.38 16.64 5.08
CA GLU B 198 2.33 17.54 5.73
C GLU B 198 2.81 16.96 7.06
N GLU B 199 1.90 16.50 7.90
CA GLU B 199 2.29 15.99 9.20
C GLU B 199 3.12 14.72 9.08
N GLU B 200 2.77 13.84 8.13
CA GLU B 200 3.57 12.64 7.95
C GLU B 200 4.97 12.98 7.49
N GLU B 201 5.11 14.02 6.68
CA GLU B 201 6.44 14.40 6.19
C GLU B 201 7.30 14.98 7.31
N VAL B 202 6.71 15.74 8.23
CA VAL B 202 7.47 16.23 9.37
C VAL B 202 7.89 15.06 10.26
N VAL B 203 6.95 14.16 10.56
CA VAL B 203 7.23 13.01 11.41
C VAL B 203 8.41 12.19 10.87
N ARG B 204 8.37 11.86 9.59
CA ARG B 204 9.45 11.05 9.01
C ARG B 204 10.78 11.80 9.03
N LYS B 205 10.76 13.09 8.69
CA LYS B 205 11.97 13.90 8.76
C LYS B 205 12.58 13.87 10.16
N GLU B 206 11.77 14.12 11.18
CA GLU B 206 12.24 14.01 12.57
C GLU B 206 12.81 12.62 12.85
N ARG B 207 12.09 11.58 12.47
CA ARG B 207 12.55 10.22 12.78
C ARG B 207 13.89 9.96 12.11
N GLN B 208 14.03 10.38 10.86
CA GLN B 208 15.31 10.30 10.16
C GLN B 208 16.39 11.03 10.95
N SER B 209 16.10 12.26 11.38
CA SER B 209 17.08 13.10 12.06
C SER B 209 17.67 12.41 13.28
N ARG B 210 16.79 11.88 14.16
CA ARG B 210 17.27 11.23 15.38
C ARG B 210 18.14 10.01 15.05
N ASN B 211 17.79 9.29 13.98
CA ASN B 211 18.56 8.10 13.63
C ASN B 211 19.95 8.45 13.14
N LYS B 212 20.21 9.69 12.77
CA LYS B 212 21.50 10.07 12.22
C LYS B 212 22.46 10.56 13.29
C ACT C . 11.22 -12.33 -4.15
O ACT C . 11.88 -13.20 -3.50
OXT ACT C . 10.01 -12.37 -4.54
CH3 ACT C . 12.00 -11.03 -4.56
C1 GOL D . -0.81 2.00 -4.98
O1 GOL D . -1.88 2.74 -4.43
C2 GOL D . -1.42 0.68 -5.52
O2 GOL D . -2.21 0.89 -6.64
C3 GOL D . -0.21 -0.24 -5.84
O3 GOL D . -0.71 -1.27 -6.65
#